data_3ZSW
#
_entry.id   3ZSW
#
_cell.length_a   70.999
_cell.length_b   70.999
_cell.length_c   66.602
_cell.angle_alpha   90.00
_cell.angle_beta   90.00
_cell.angle_gamma   120.00
#
_symmetry.space_group_name_H-M   'P 31'
#
loop_
_entity.id
_entity.type
_entity.pdbx_description
1 polymer INTEGRASE
2 non-polymer THREONINE
3 non-polymer 'SULFATE ION'
4 non-polymer 'CHLORIDE ION'
5 non-polymer 'ACETIC ACID'
6 non-polymer GLYCEROL
7 non-polymer (R)-[2-[[(2R)-butan-2-yl]carbamoyl]phenyl]methyl-[[(2S)-5-carboxy-2-(2-carboxyethyl)-2,3-dihydro-1,4-benzodioxin-6-yl]methyl]-prop-2-enyl-azanium
8 water water
#
_entity_poly.entity_id   1
_entity_poly.type   'polypeptide(L)'
_entity_poly.pdbx_seq_one_letter_code
;MGSSHHHHHHSSPGIWQLDCTHLEGKVILVAVHVASGYIEAEVIPAETGQETAYFLLKLAGRWPVKTVHTDNGSNFTSTT
VKAACWWAGIKQEDGIPYNPQSQGVIESMNKELKKIIGQVRDQAEHLKTAVQMAVFIHNHKRKGGIGGYSAGERIVDIIA
TDIQTKE
;
_entity_poly.pdbx_strand_id   A,B
#
loop_
_chem_comp.id
_chem_comp.type
_chem_comp.name
_chem_comp.formula
ACY non-polymer 'ACETIC ACID' 'C2 H4 O2'
CL non-polymer 'CHLORIDE ION' 'Cl -1'
GOL non-polymer GLYCEROL 'C3 H8 O3'
SO4 non-polymer 'SULFATE ION' 'O4 S -2'
ZSW non-polymer (R)-[2-[[(2R)-butan-2-yl]carbamoyl]phenyl]methyl-[[(2S)-5-carboxy-2-(2-carboxyethyl)-2,3-dihydro-1,4-benzodioxin-6-yl]methyl]-prop-2-enyl-azanium 'C28 H35 N2 O7 1'
#
# COMPACT_ATOMS: atom_id res chain seq x y z
N SER A 12 6.19 -19.57 -4.91
CA SER A 12 6.29 -18.65 -3.74
C SER A 12 6.26 -17.11 -4.03
N PRO A 13 6.02 -16.69 -5.29
CA PRO A 13 5.76 -15.25 -5.51
C PRO A 13 4.56 -14.70 -4.73
N GLY A 14 3.61 -15.56 -4.38
CA GLY A 14 2.39 -15.10 -3.72
C GLY A 14 2.32 -15.29 -2.20
N ILE A 15 3.43 -15.68 -1.56
N ILE A 15 3.45 -15.56 -1.55
CA ILE A 15 3.41 -16.04 -0.13
CA ILE A 15 3.45 -16.01 -0.16
C ILE A 15 3.85 -14.87 0.75
C ILE A 15 3.91 -14.92 0.81
N TRP A 16 3.00 -14.55 1.72
CA TRP A 16 3.27 -13.52 2.68
C TRP A 16 3.09 -14.06 4.10
N GLN A 17 3.79 -13.41 5.02
CA GLN A 17 3.79 -13.73 6.45
CA GLN A 17 3.71 -13.74 6.43
C GLN A 17 3.38 -12.51 7.26
N LEU A 18 2.39 -12.67 8.14
N LEU A 18 2.42 -12.68 8.16
CA LEU A 18 2.00 -11.62 9.07
CA LEU A 18 2.01 -11.63 9.05
C LEU A 18 2.86 -11.64 10.32
C LEU A 18 2.91 -11.64 10.28
N ASP A 19 3.09 -10.46 10.88
CA ASP A 19 4.02 -10.29 12.02
C ASP A 19 3.48 -9.11 12.80
N CYS A 20 3.36 -9.25 14.12
CA CYS A 20 2.83 -8.20 14.96
C CYS A 20 3.92 -7.88 15.97
N THR A 21 4.28 -6.61 16.10
CA THR A 21 5.29 -6.18 17.05
C THR A 21 4.79 -4.95 17.80
N HIS A 22 5.39 -4.64 18.94
CA HIS A 22 4.85 -3.60 19.78
C HIS A 22 5.88 -2.51 20.00
N LEU A 23 5.41 -1.27 20.01
CA LEU A 23 6.25 -0.12 20.31
C LEU A 23 5.41 1.01 20.84
N GLU A 24 5.90 1.67 21.88
CA GLU A 24 5.22 2.88 22.40
C GLU A 24 3.78 2.65 22.83
N GLY A 25 3.48 1.43 23.31
CA GLY A 25 2.12 1.10 23.75
C GLY A 25 1.16 0.88 22.61
N LYS A 26 1.70 0.82 21.39
CA LYS A 26 0.88 0.58 20.19
C LYS A 26 1.39 -0.68 19.51
N VAL A 27 0.67 -1.11 18.48
CA VAL A 27 0.92 -2.35 17.80
C VAL A 27 1.31 -2.01 16.36
N ILE A 28 2.37 -2.63 15.88
CA ILE A 28 2.77 -2.46 14.48
C ILE A 28 2.51 -3.79 13.82
N LEU A 29 1.56 -3.77 12.88
CA LEU A 29 1.23 -4.93 12.09
C LEU A 29 2.02 -4.90 10.79
N VAL A 30 2.76 -5.98 10.52
CA VAL A 30 3.66 -6.06 9.36
C VAL A 30 3.27 -7.27 8.50
N ALA A 31 3.28 -7.09 7.18
CA ALA A 31 3.20 -8.20 6.27
C ALA A 31 4.53 -8.29 5.52
N VAL A 32 5.13 -9.48 5.54
CA VAL A 32 6.40 -9.68 4.85
C VAL A 32 6.19 -10.59 3.65
N HIS A 33 6.68 -10.14 2.50
CA HIS A 33 6.76 -10.99 1.33
C HIS A 33 7.97 -11.91 1.50
N VAL A 34 7.69 -13.20 1.72
CA VAL A 34 8.71 -14.12 2.24
C VAL A 34 9.96 -14.21 1.32
N ALA A 35 9.72 -14.36 0.03
CA ALA A 35 10.80 -14.57 -0.97
C ALA A 35 11.72 -13.36 -1.14
N SER A 36 11.20 -12.15 -0.87
CA SER A 36 11.96 -10.92 -1.12
C SER A 36 12.37 -10.16 0.12
N GLY A 37 11.65 -10.36 1.22
CA GLY A 37 11.78 -9.54 2.42
C GLY A 37 11.14 -8.15 2.32
N TYR A 38 10.38 -7.91 1.26
CA TYR A 38 9.64 -6.63 1.11
C TYR A 38 8.54 -6.58 2.15
N ILE A 39 8.27 -5.41 2.70
CA ILE A 39 7.22 -5.28 3.72
C ILE A 39 6.20 -4.16 3.48
N GLU A 40 5.02 -4.34 4.07
CA GLU A 40 4.06 -3.24 4.26
C GLU A 40 3.76 -3.26 5.76
N ALA A 41 3.41 -2.11 6.34
CA ALA A 41 3.17 -2.08 7.79
C ALA A 41 2.20 -0.95 8.13
N GLU A 42 1.54 -1.10 9.27
CA GLU A 42 0.66 -0.06 9.75
CA GLU A 42 0.62 -0.08 9.76
C GLU A 42 0.71 -0.05 11.28
N VAL A 43 0.45 1.11 11.87
CA VAL A 43 0.28 1.20 13.33
C VAL A 43 -1.22 1.09 13.63
N ILE A 44 -1.57 0.23 14.58
CA ILE A 44 -2.96 0.06 15.02
C ILE A 44 -2.99 0.07 16.57
N PRO A 45 -4.14 0.44 17.18
CA PRO A 45 -4.20 0.56 18.63
C PRO A 45 -4.03 -0.78 19.32
N ALA A 46 -4.56 -1.83 18.68
CA ALA A 46 -4.51 -3.21 19.19
C ALA A 46 -4.77 -4.14 18.01
N GLU A 47 -4.23 -5.35 18.08
N GLU A 47 -4.32 -5.41 18.10
CA GLU A 47 -4.54 -6.31 17.07
CA GLU A 47 -4.45 -6.35 16.96
C GLU A 47 -5.91 -6.84 17.39
C GLU A 47 -5.74 -7.21 16.97
N THR A 48 -6.81 -6.65 16.42
CA THR A 48 -8.13 -7.26 16.43
C THR A 48 -8.32 -7.96 15.10
N GLY A 49 -9.34 -8.82 15.02
CA GLY A 49 -9.70 -9.46 13.75
C GLY A 49 -10.03 -8.40 12.71
N GLN A 50 -10.81 -7.38 13.10
CA GLN A 50 -11.16 -6.32 12.17
C GLN A 50 -9.92 -5.62 11.61
N GLU A 51 -8.97 -5.29 12.49
CA GLU A 51 -7.76 -4.55 12.04
C GLU A 51 -7.00 -5.43 11.08
N THR A 52 -6.88 -6.71 11.42
CA THR A 52 -6.10 -7.64 10.60
C THR A 52 -6.77 -7.85 9.23
N ALA A 53 -8.10 -8.00 9.24
CA ALA A 53 -8.89 -8.22 8.02
C ALA A 53 -8.70 -7.02 7.08
N TYR A 54 -8.77 -5.81 7.64
CA TYR A 54 -8.69 -4.61 6.80
C TYR A 54 -7.27 -4.48 6.20
N PHE A 55 -6.28 -4.78 7.01
CA PHE A 55 -4.89 -4.77 6.56
C PHE A 55 -4.67 -5.73 5.39
N LEU A 56 -5.19 -6.96 5.51
CA LEU A 56 -5.06 -7.95 4.44
C LEU A 56 -5.80 -7.55 3.15
N LEU A 57 -6.99 -6.98 3.31
CA LEU A 57 -7.72 -6.43 2.19
C LEU A 57 -6.90 -5.40 1.41
N LYS A 58 -6.29 -4.46 2.13
CA LYS A 58 -5.40 -3.48 1.50
CA LYS A 58 -5.41 -3.48 1.49
C LYS A 58 -4.23 -4.13 0.77
N LEU A 59 -3.56 -5.05 1.46
CA LEU A 59 -2.40 -5.73 0.91
C LEU A 59 -2.76 -6.44 -0.39
N ALA A 60 -3.88 -7.19 -0.37
CA ALA A 60 -4.26 -8.03 -1.50
C ALA A 60 -4.73 -7.20 -2.69
N GLY A 61 -5.18 -5.96 -2.45
CA GLY A 61 -5.54 -5.08 -3.57
C GLY A 61 -4.30 -4.51 -4.25
N ARG A 62 -3.14 -4.60 -3.58
CA ARG A 62 -1.91 -3.93 -4.02
C ARG A 62 -0.87 -4.89 -4.59
N TRP A 63 -0.85 -6.12 -4.07
CA TRP A 63 0.06 -7.18 -4.53
C TRP A 63 -0.73 -8.48 -4.70
N PRO A 64 -0.23 -9.41 -5.55
CA PRO A 64 -0.96 -10.66 -5.81
C PRO A 64 -0.75 -11.67 -4.70
N VAL A 65 -1.54 -11.53 -3.65
CA VAL A 65 -1.42 -12.28 -2.41
C VAL A 65 -2.17 -13.63 -2.54
N LYS A 66 -1.42 -14.70 -2.58
CA LYS A 66 -2.01 -16.05 -2.74
C LYS A 66 -2.24 -16.71 -1.39
N THR A 67 -1.25 -16.58 -0.53
CA THR A 67 -1.22 -17.27 0.77
C THR A 67 -0.72 -16.32 1.83
N VAL A 68 -1.40 -16.29 2.98
CA VAL A 68 -0.88 -15.57 4.14
CA VAL A 68 -0.90 -15.57 4.14
C VAL A 68 -0.71 -16.54 5.30
N HIS A 69 0.52 -16.59 5.80
CA HIS A 69 0.82 -17.27 7.07
C HIS A 69 0.49 -16.31 8.17
N THR A 70 -0.60 -16.59 8.86
CA THR A 70 -1.10 -15.68 9.90
CA THR A 70 -1.10 -15.68 9.88
C THR A 70 -0.16 -15.68 11.09
N ASP A 71 -0.21 -14.61 11.88
CA ASP A 71 0.80 -14.42 12.91
C ASP A 71 0.51 -15.12 14.22
N ASN A 72 -0.75 -15.52 14.42
CA ASN A 72 -1.16 -16.22 15.65
C ASN A 72 -2.49 -16.94 15.44
N GLY A 73 -2.87 -17.73 16.44
CA GLY A 73 -4.07 -18.57 16.35
C GLY A 73 -5.35 -17.77 16.41
N SER A 74 -5.33 -16.62 17.05
CA SER A 74 -6.55 -15.79 17.12
C SER A 74 -6.91 -15.23 15.74
N ASN A 75 -5.92 -14.72 15.03
CA ASN A 75 -6.18 -14.25 13.66
C ASN A 75 -6.48 -15.40 12.71
N PHE A 76 -5.87 -16.54 12.94
CA PHE A 76 -6.18 -17.72 12.14
C PHE A 76 -7.65 -18.13 12.33
N THR A 77 -8.13 -18.04 13.57
CA THR A 77 -9.49 -18.48 13.94
C THR A 77 -10.55 -17.45 13.56
N SER A 78 -10.16 -16.18 13.59
CA SER A 78 -11.10 -15.06 13.47
C SER A 78 -12.02 -15.17 12.23
N THR A 79 -13.33 -15.14 12.43
N THR A 79 -13.33 -15.16 12.48
CA THR A 79 -14.24 -15.22 11.28
CA THR A 79 -14.34 -15.18 11.39
C THR A 79 -14.20 -13.92 10.46
C THR A 79 -14.13 -13.95 10.49
N THR A 80 -13.84 -12.81 11.11
CA THR A 80 -13.64 -11.55 10.42
CA THR A 80 -13.69 -11.57 10.36
C THR A 80 -12.46 -11.66 9.45
N VAL A 81 -11.37 -12.23 9.96
CA VAL A 81 -10.18 -12.44 9.14
C VAL A 81 -10.50 -13.47 8.04
N LYS A 82 -11.19 -14.55 8.38
CA LYS A 82 -11.52 -15.52 7.36
C LYS A 82 -12.39 -14.92 6.25
N ALA A 83 -13.33 -14.05 6.62
CA ALA A 83 -14.22 -13.40 5.64
C ALA A 83 -13.43 -12.51 4.69
N ALA A 84 -12.46 -11.75 5.22
CA ALA A 84 -11.60 -10.92 4.36
C ALA A 84 -10.73 -11.75 3.43
N CYS A 85 -10.20 -12.87 3.95
CA CYS A 85 -9.38 -13.73 3.13
C CYS A 85 -10.25 -14.35 2.01
N TRP A 86 -11.47 -14.75 2.37
CA TRP A 86 -12.39 -15.27 1.38
C TRP A 86 -12.61 -14.18 0.32
N TRP A 87 -12.89 -12.96 0.75
CA TRP A 87 -13.25 -11.89 -0.19
C TRP A 87 -12.11 -11.67 -1.19
N ALA A 88 -10.89 -11.61 -0.65
CA ALA A 88 -9.72 -11.21 -1.42
C ALA A 88 -9.04 -12.39 -2.14
N GLY A 89 -9.62 -13.59 -1.98
CA GLY A 89 -9.06 -14.76 -2.62
C GLY A 89 -7.74 -15.24 -2.01
N ILE A 90 -7.59 -15.00 -0.71
CA ILE A 90 -6.37 -15.37 0.00
C ILE A 90 -6.54 -16.71 0.71
N LYS A 91 -5.57 -17.61 0.53
CA LYS A 91 -5.52 -18.83 1.34
CA LYS A 91 -5.47 -18.83 1.33
C LYS A 91 -4.90 -18.50 2.69
N GLN A 92 -5.72 -18.60 3.74
CA GLN A 92 -5.26 -18.30 5.06
C GLN A 92 -4.62 -19.57 5.63
N GLU A 93 -3.37 -19.47 6.03
CA GLU A 93 -2.65 -20.62 6.59
C GLU A 93 -2.13 -20.32 7.98
N ASP A 94 -1.68 -21.35 8.69
CA ASP A 94 -1.07 -21.11 9.99
C ASP A 94 0.31 -20.47 9.78
N GLY A 95 0.97 -20.05 10.84
CA GLY A 95 2.33 -19.50 10.67
C GLY A 95 3.35 -20.29 11.49
N ILE A 96 3.08 -21.58 11.64
CA ILE A 96 3.95 -22.47 12.42
C ILE A 96 5.33 -22.51 11.76
N PRO A 97 6.38 -22.20 12.55
CA PRO A 97 7.74 -22.18 12.03
C PRO A 97 8.36 -23.59 11.89
N TYR A 98 7.81 -24.38 10.98
CA TYR A 98 8.34 -25.71 10.68
C TYR A 98 9.80 -25.62 10.32
N ASN A 99 10.16 -24.59 9.57
CA ASN A 99 11.55 -24.20 9.39
C ASN A 99 11.92 -23.23 10.50
N PRO A 100 12.77 -23.68 11.45
CA PRO A 100 13.03 -22.92 12.66
C PRO A 100 13.72 -21.58 12.37
N GLN A 101 14.33 -21.47 11.20
CA GLN A 101 14.99 -20.21 10.84
C GLN A 101 14.01 -19.04 10.68
N SER A 102 12.73 -19.33 10.42
CA SER A 102 11.72 -18.27 10.26
C SER A 102 11.49 -17.43 11.53
N GLN A 103 11.47 -18.07 12.70
CA GLN A 103 11.44 -17.35 13.98
C GLN A 103 12.55 -16.31 14.02
N GLY A 104 13.77 -16.72 13.69
CA GLY A 104 14.96 -15.88 13.80
C GLY A 104 14.95 -14.71 12.85
N VAL A 105 14.47 -14.98 11.63
CA VAL A 105 14.37 -13.97 10.57
C VAL A 105 13.38 -12.84 10.94
N ILE A 106 12.20 -13.24 11.43
CA ILE A 106 11.17 -12.29 11.86
CA ILE A 106 11.17 -12.28 11.85
C ILE A 106 11.64 -11.44 13.05
N GLU A 107 12.26 -12.09 14.03
CA GLU A 107 12.79 -11.39 15.20
C GLU A 107 13.85 -10.37 14.78
N SER A 108 14.73 -10.78 13.88
CA SER A 108 15.74 -9.85 13.35
C SER A 108 15.09 -8.72 12.56
N MET A 109 14.02 -9.02 11.83
CA MET A 109 13.37 -7.93 11.11
C MET A 109 12.73 -6.93 12.09
N ASN A 110 12.06 -7.45 13.10
CA ASN A 110 11.47 -6.59 14.11
C ASN A 110 12.51 -5.69 14.75
N LYS A 111 13.68 -6.25 15.10
CA LYS A 111 14.75 -5.45 15.71
C LYS A 111 15.26 -4.34 14.78
N GLU A 112 15.49 -4.70 13.51
CA GLU A 112 15.90 -3.75 12.46
C GLU A 112 14.88 -2.64 12.29
N LEU A 113 13.60 -3.01 12.22
CA LEU A 113 12.56 -2.01 12.04
C LEU A 113 12.51 -1.05 13.20
N LYS A 114 12.58 -1.59 14.43
CA LYS A 114 12.59 -0.73 15.60
C LYS A 114 13.82 0.20 15.64
N LYS A 115 14.96 -0.31 15.17
CA LYS A 115 16.16 0.52 15.07
C LYS A 115 15.94 1.68 14.10
N ILE A 116 15.33 1.39 12.96
CA ILE A 116 15.10 2.44 11.96
C ILE A 116 14.11 3.45 12.53
N ILE A 117 13.04 2.96 13.17
CA ILE A 117 12.08 3.86 13.78
C ILE A 117 12.77 4.83 14.76
N GLY A 118 13.66 4.31 15.62
CA GLY A 118 14.47 5.15 16.49
C GLY A 118 15.28 6.21 15.73
N GLN A 119 15.88 5.80 14.61
CA GLN A 119 16.69 6.72 13.81
C GLN A 119 15.87 7.85 13.17
N VAL A 120 14.59 7.61 12.91
CA VAL A 120 13.73 8.63 12.28
C VAL A 120 12.75 9.24 13.26
N ARG A 121 12.73 8.71 14.49
CA ARG A 121 11.64 9.01 15.39
C ARG A 121 11.48 10.51 15.59
N ASP A 122 12.59 11.24 15.49
CA ASP A 122 12.65 12.70 15.64
C ASP A 122 12.14 13.51 14.43
N GLN A 123 11.88 12.84 13.31
CA GLN A 123 11.49 13.52 12.07
C GLN A 123 10.00 13.46 11.82
N ALA A 124 9.26 13.11 12.86
CA ALA A 124 7.81 13.07 12.85
C ALA A 124 7.27 13.14 14.27
N GLU A 125 6.11 13.72 14.44
CA GLU A 125 5.45 13.75 15.74
C GLU A 125 4.88 12.38 16.04
N HIS A 126 4.23 11.77 15.05
CA HIS A 126 3.45 10.55 15.29
C HIS A 126 4.18 9.25 14.90
N LEU A 127 4.00 8.20 15.72
CA LEU A 127 4.62 6.91 15.43
C LEU A 127 4.26 6.39 14.03
N LYS A 128 2.99 6.54 13.62
CA LYS A 128 2.58 6.01 12.29
C LYS A 128 3.47 6.53 11.15
N THR A 129 3.82 7.82 11.22
CA THR A 129 4.74 8.44 10.25
C THR A 129 6.13 7.83 10.24
N ALA A 130 6.71 7.68 11.44
CA ALA A 130 7.97 7.01 11.64
C ALA A 130 7.96 5.58 11.10
N VAL A 131 6.83 4.88 11.29
CA VAL A 131 6.74 3.50 10.80
C VAL A 131 6.76 3.50 9.27
N GLN A 132 6.04 4.44 8.65
CA GLN A 132 6.07 4.50 7.17
C GLN A 132 7.46 4.87 6.66
N MET A 133 8.18 5.72 7.39
CA MET A 133 9.56 6.05 7.01
C MET A 133 10.43 4.81 7.11
N ALA A 134 10.19 4.00 8.16
CA ALA A 134 10.93 2.73 8.34
C ALA A 134 10.65 1.75 7.20
N VAL A 135 9.38 1.62 6.82
CA VAL A 135 8.99 0.80 5.66
C VAL A 135 9.76 1.26 4.41
N PHE A 136 9.81 2.57 4.20
CA PHE A 136 10.49 3.12 3.06
C PHE A 136 11.97 2.72 3.09
N ILE A 137 12.63 2.99 4.21
CA ILE A 137 14.07 2.68 4.31
C ILE A 137 14.33 1.18 4.13
N HIS A 138 13.53 0.35 4.81
CA HIS A 138 13.69 -1.12 4.70
C HIS A 138 13.58 -1.61 3.25
N ASN A 139 12.53 -1.16 2.56
CA ASN A 139 12.25 -1.62 1.20
C ASN A 139 13.25 -1.11 0.18
N HIS A 140 13.87 0.03 0.45
CA HIS A 140 14.79 0.65 -0.50
C HIS A 140 16.24 0.25 -0.27
N LYS A 141 16.53 -0.30 0.91
CA LYS A 141 17.92 -0.64 1.29
C LYS A 141 18.52 -1.71 0.39
N ARG A 142 19.66 -1.39 -0.22
CA ARG A 142 20.38 -2.38 -1.02
C ARG A 142 21.20 -3.29 -0.12
N LYS A 143 20.99 -4.61 -0.28
CA LYS A 143 21.74 -5.61 0.49
C LYS A 143 22.70 -6.40 -0.39
N GLY A 148 24.02 -5.50 -5.64
CA GLY A 148 23.09 -5.70 -4.52
C GLY A 148 21.75 -5.05 -4.78
N TYR A 149 20.68 -5.81 -4.58
CA TYR A 149 19.33 -5.33 -4.89
C TYR A 149 18.57 -4.99 -3.61
N SER A 150 17.53 -4.15 -3.73
CA SER A 150 16.65 -3.89 -2.59
C SER A 150 15.51 -4.91 -2.54
N ALA A 151 14.82 -4.97 -1.41
CA ALA A 151 13.63 -5.84 -1.30
C ALA A 151 12.57 -5.40 -2.32
N GLY A 152 12.45 -4.08 -2.56
CA GLY A 152 11.48 -3.53 -3.51
C GLY A 152 11.80 -4.01 -4.92
N GLU A 153 13.09 -4.04 -5.26
CA GLU A 153 13.50 -4.62 -6.55
C GLU A 153 13.24 -6.12 -6.63
N ARG A 154 13.55 -6.86 -5.56
CA ARG A 154 13.35 -8.32 -5.55
C ARG A 154 11.89 -8.69 -5.72
N ILE A 155 11.00 -8.02 -5.00
CA ILE A 155 9.58 -8.43 -5.13
C ILE A 155 9.06 -8.22 -6.56
N VAL A 156 9.37 -7.08 -7.16
CA VAL A 156 8.93 -6.80 -8.55
C VAL A 156 9.51 -7.83 -9.52
N ASP A 157 10.79 -8.15 -9.36
CA ASP A 157 11.44 -9.14 -10.23
C ASP A 157 10.80 -10.52 -10.08
N ILE A 158 10.56 -10.94 -8.85
CA ILE A 158 9.93 -12.24 -8.59
C ILE A 158 8.54 -12.32 -9.22
N ILE A 159 7.72 -11.31 -9.00
CA ILE A 159 6.37 -11.35 -9.53
C ILE A 159 6.36 -11.25 -11.06
N ALA A 160 7.19 -10.37 -11.62
CA ALA A 160 7.28 -10.24 -13.10
C ALA A 160 7.68 -11.57 -13.73
N THR A 161 8.66 -12.26 -13.14
CA THR A 161 9.09 -13.57 -13.60
C THR A 161 7.90 -14.55 -13.61
N ASP A 162 7.12 -14.53 -12.52
CA ASP A 162 5.93 -15.35 -12.40
C ASP A 162 4.88 -15.04 -13.48
N ILE A 163 4.64 -13.75 -13.75
CA ILE A 163 3.66 -13.35 -14.74
C ILE A 163 4.02 -13.90 -16.12
N GLN A 164 5.33 -13.96 -16.41
CA GLN A 164 5.82 -14.54 -17.66
C GLN A 164 5.78 -16.08 -17.68
N SER B 12 9.03 7.27 -17.07
CA SER B 12 7.66 6.64 -17.16
C SER B 12 7.33 5.60 -16.06
N PRO B 13 8.27 4.66 -15.78
CA PRO B 13 7.99 3.71 -14.70
C PRO B 13 7.73 4.36 -13.34
N GLY B 14 8.29 5.56 -13.12
CA GLY B 14 8.16 6.19 -11.80
C GLY B 14 7.16 7.34 -11.68
N ILE B 15 6.31 7.53 -12.69
N ILE B 15 6.24 7.45 -12.65
CA ILE B 15 5.38 8.67 -12.69
CA ILE B 15 5.36 8.62 -12.76
C ILE B 15 4.00 8.28 -12.17
C ILE B 15 3.94 8.34 -12.25
N TRP B 16 3.54 9.05 -11.19
CA TRP B 16 2.23 8.90 -10.60
C TRP B 16 1.47 10.22 -10.64
N GLN B 17 0.15 10.12 -10.64
CA GLN B 17 -0.78 11.25 -10.65
CA GLN B 17 -0.73 11.27 -10.61
C GLN B 17 -1.72 11.15 -9.46
N LEU B 18 -1.84 12.24 -8.70
N LEU B 18 -1.88 12.26 -8.74
CA LEU B 18 -2.80 12.30 -7.60
CA LEU B 18 -2.79 12.33 -7.60
C LEU B 18 -4.18 12.71 -8.11
C LEU B 18 -4.16 12.80 -8.05
N ASP B 19 -5.21 12.24 -7.42
CA ASP B 19 -6.59 12.46 -7.85
C ASP B 19 -7.43 12.42 -6.59
N CYS B 20 -8.30 13.42 -6.42
CA CYS B 20 -9.12 13.52 -5.24
C CYS B 20 -10.55 13.52 -5.73
N THR B 21 -11.36 12.62 -5.18
CA THR B 21 -12.77 12.53 -5.54
C THR B 21 -13.61 12.44 -4.27
N HIS B 22 -14.92 12.69 -4.38
CA HIS B 22 -15.76 12.80 -3.19
C HIS B 22 -16.88 11.79 -3.28
N LEU B 23 -17.25 11.25 -2.12
CA LEU B 23 -18.37 10.32 -1.99
C LEU B 23 -18.81 10.28 -0.54
N GLU B 24 -20.11 10.33 -0.31
CA GLU B 24 -20.67 10.15 1.02
C GLU B 24 -20.18 11.18 2.05
N GLY B 25 -19.90 12.39 1.58
CA GLY B 25 -19.40 13.45 2.45
C GLY B 25 -17.96 13.29 2.86
N LYS B 26 -17.28 12.33 2.22
CA LYS B 26 -15.88 12.06 2.50
C LYS B 26 -15.07 12.24 1.22
N VAL B 27 -13.76 12.15 1.38
CA VAL B 27 -12.83 12.40 0.29
C VAL B 27 -12.09 11.10 0.04
N ILE B 28 -11.97 10.72 -1.23
CA ILE B 28 -11.18 9.54 -1.61
C ILE B 28 -9.97 10.08 -2.34
N LEU B 29 -8.80 9.91 -1.74
CA LEU B 29 -7.56 10.32 -2.35
C LEU B 29 -6.99 9.11 -3.10
N VAL B 30 -6.67 9.29 -4.39
CA VAL B 30 -6.20 8.22 -5.27
C VAL B 30 -4.85 8.61 -5.86
N ALA B 31 -3.92 7.66 -5.90
CA ALA B 31 -2.72 7.79 -6.72
C ALA B 31 -2.77 6.79 -7.87
N VAL B 32 -2.53 7.30 -9.08
CA VAL B 32 -2.59 6.47 -10.28
C VAL B 32 -1.19 6.40 -10.87
N HIS B 33 -0.73 5.17 -11.10
CA HIS B 33 0.48 4.94 -11.83
C HIS B 33 0.14 5.12 -13.31
N VAL B 34 0.67 6.19 -13.90
CA VAL B 34 0.11 6.68 -15.16
C VAL B 34 0.25 5.64 -16.29
N ALA B 35 1.41 5.01 -16.37
CA ALA B 35 1.72 4.07 -17.47
C ALA B 35 0.89 2.78 -17.42
N SER B 36 0.43 2.38 -16.23
CA SER B 36 -0.26 1.10 -16.07
C SER B 36 -1.74 1.24 -15.71
N GLY B 37 -2.11 2.37 -15.14
CA GLY B 37 -3.46 2.56 -14.60
C GLY B 37 -3.68 1.88 -13.23
N TYR B 38 -2.60 1.37 -12.64
CA TYR B 38 -2.65 0.77 -11.28
C TYR B 38 -2.92 1.89 -10.28
N ILE B 39 -3.67 1.60 -9.23
CA ILE B 39 -3.99 2.62 -8.22
C ILE B 39 -3.80 2.19 -6.77
N GLU B 40 -3.58 3.18 -5.91
CA GLU B 40 -3.76 3.02 -4.46
C GLU B 40 -4.74 4.11 -4.06
N ALA B 41 -5.52 3.89 -3.01
CA ALA B 41 -6.48 4.91 -2.58
C ALA B 41 -6.73 4.81 -1.08
N GLU B 42 -7.21 5.90 -0.50
CA GLU B 42 -7.60 5.91 0.90
CA GLU B 42 -7.58 5.94 0.91
C GLU B 42 -8.76 6.88 1.07
N VAL B 43 -9.57 6.65 2.08
CA VAL B 43 -10.62 7.60 2.47
C VAL B 43 -10.07 8.48 3.59
N ILE B 44 -10.26 9.78 3.44
CA ILE B 44 -9.83 10.76 4.45
C ILE B 44 -11.01 11.74 4.69
N PRO B 45 -11.07 12.39 5.88
CA PRO B 45 -12.18 13.27 6.18
C PRO B 45 -12.19 14.47 5.25
N ALA B 46 -11.00 14.98 4.93
CA ALA B 46 -10.83 16.15 4.04
C ALA B 46 -9.43 16.14 3.50
N GLU B 47 -9.24 16.72 2.32
N GLU B 47 -9.19 16.80 2.35
CA GLU B 47 -7.91 16.83 1.81
CA GLU B 47 -7.84 16.77 1.71
C GLU B 47 -7.23 17.96 2.58
C GLU B 47 -6.84 17.86 2.17
N THR B 48 -6.15 17.60 3.26
CA THR B 48 -5.25 18.57 3.88
C THR B 48 -3.84 18.27 3.37
N GLY B 49 -2.90 19.20 3.61
CA GLY B 49 -1.47 18.92 3.33
C GLY B 49 -0.98 17.72 4.12
N GLN B 50 -1.35 17.61 5.41
CA GLN B 50 -0.85 16.48 6.19
C GLN B 50 -1.37 15.16 5.64
N GLU B 51 -2.65 15.11 5.25
CA GLU B 51 -3.22 13.83 4.72
C GLU B 51 -2.50 13.47 3.45
N THR B 52 -2.27 14.47 2.60
CA THR B 52 -1.64 14.21 1.30
C THR B 52 -0.19 13.76 1.49
N ALA B 53 0.51 14.43 2.39
CA ALA B 53 1.91 14.12 2.69
C ALA B 53 2.05 12.67 3.19
N TYR B 54 1.16 12.29 4.10
CA TYR B 54 1.19 10.93 4.67
C TYR B 54 0.91 9.87 3.60
N PHE B 55 -0.09 10.15 2.76
CA PHE B 55 -0.43 9.26 1.64
C PHE B 55 0.77 9.04 0.73
N LEU B 56 1.44 10.13 0.36
CA LEU B 56 2.61 10.00 -0.53
C LEU B 56 3.78 9.26 0.13
N LEU B 57 3.97 9.50 1.42
CA LEU B 57 4.98 8.75 2.16
C LEU B 57 4.76 7.23 2.10
N LYS B 58 3.51 6.83 2.32
CA LYS B 58 3.12 5.42 2.19
CA LYS B 58 3.15 5.41 2.21
C LYS B 58 3.37 4.87 0.79
N LEU B 59 2.93 5.63 -0.20
CA LEU B 59 3.05 5.22 -1.59
C LEU B 59 4.51 5.00 -1.95
N ALA B 60 5.37 5.94 -1.56
CA ALA B 60 6.78 5.91 -1.97
C ALA B 60 7.57 4.81 -1.26
N GLY B 61 7.10 4.38 -0.08
CA GLY B 61 7.72 3.24 0.60
C GLY B 61 7.38 1.93 -0.08
N ARG B 62 6.34 1.92 -0.94
CA ARG B 62 5.80 0.68 -1.51
C ARG B 62 6.14 0.49 -2.98
N TRP B 63 6.23 1.60 -3.71
CA TRP B 63 6.60 1.62 -5.13
C TRP B 63 7.66 2.67 -5.39
N PRO B 64 8.47 2.49 -6.46
CA PRO B 64 9.56 3.45 -6.71
C PRO B 64 9.03 4.72 -7.37
N VAL B 65 8.54 5.63 -6.53
CA VAL B 65 7.90 6.86 -6.95
C VAL B 65 8.95 7.96 -7.27
N LYS B 66 9.07 8.29 -8.55
CA LYS B 66 10.03 9.32 -8.96
C LYS B 66 9.42 10.71 -9.03
N THR B 67 8.21 10.77 -9.57
CA THR B 67 7.51 12.02 -9.85
C THR B 67 6.06 11.85 -9.51
N VAL B 68 5.52 12.84 -8.80
CA VAL B 68 4.08 12.91 -8.54
CA VAL B 68 4.07 12.91 -8.57
C VAL B 68 3.52 14.19 -9.17
N HIS B 69 2.54 14.02 -10.05
CA HIS B 69 1.73 15.14 -10.57
C HIS B 69 0.64 15.37 -9.56
N THR B 70 0.77 16.48 -8.82
CA THR B 70 -0.15 16.78 -7.72
CA THR B 70 -0.13 16.76 -7.73
C THR B 70 -1.51 17.15 -8.27
N ASP B 71 -2.54 16.98 -7.45
CA ASP B 71 -3.92 17.07 -7.97
C ASP B 71 -4.46 18.49 -8.01
N ASN B 72 -3.84 19.39 -7.25
CA ASN B 72 -4.26 20.80 -7.26
C ASN B 72 -3.14 21.71 -6.75
N GLY B 73 -3.38 23.01 -6.81
CA GLY B 73 -2.36 24.00 -6.48
C GLY B 73 -2.11 24.06 -4.98
N SER B 74 -3.10 23.74 -4.17
CA SER B 74 -2.90 23.78 -2.71
C SER B 74 -1.92 22.69 -2.25
N ASN B 75 -2.09 21.49 -2.78
CA ASN B 75 -1.12 20.40 -2.47
C ASN B 75 0.24 20.68 -3.11
N PHE B 76 0.24 21.29 -4.28
CA PHE B 76 1.52 21.67 -4.88
C PHE B 76 2.28 22.67 -4.00
N THR B 77 1.54 23.62 -3.41
N THR B 77 1.56 23.61 -3.38
CA THR B 77 2.11 24.71 -2.63
CA THR B 77 2.19 24.69 -2.63
C THR B 77 2.54 24.24 -1.26
C THR B 77 2.46 24.34 -1.17
N SER B 78 1.73 23.34 -0.67
CA SER B 78 1.82 22.93 0.74
C SER B 78 3.25 22.59 1.19
N THR B 79 3.75 23.25 2.23
N THR B 79 3.73 23.29 2.24
CA THR B 79 5.10 22.96 2.71
CA THR B 79 5.04 23.03 2.82
C THR B 79 5.14 21.58 3.41
C THR B 79 5.10 21.58 3.32
N THR B 80 3.99 21.14 3.90
CA THR B 80 3.88 19.79 4.49
C THR B 80 4.06 18.75 3.38
N VAL B 81 3.40 18.98 2.24
CA VAL B 81 3.53 18.05 1.11
C VAL B 81 4.96 18.13 0.56
N LYS B 82 5.50 19.34 0.44
CA LYS B 82 6.84 19.48 -0.09
C LYS B 82 7.85 18.76 0.83
N ALA B 83 7.65 18.84 2.15
CA ALA B 83 8.57 18.20 3.09
C ALA B 83 8.50 16.68 2.95
N ALA B 84 7.31 16.12 2.80
CA ALA B 84 7.18 14.67 2.53
C ALA B 84 7.80 14.25 1.20
N CYS B 85 7.62 15.05 0.14
CA CYS B 85 8.23 14.73 -1.12
C CYS B 85 9.77 14.80 -1.00
N TRP B 86 10.28 15.80 -0.28
CA TRP B 86 11.72 15.88 -0.05
C TRP B 86 12.18 14.59 0.65
N TRP B 87 11.47 14.19 1.71
CA TRP B 87 11.90 13.07 2.54
C TRP B 87 12.00 11.79 1.71
N ALA B 88 10.96 11.57 0.91
CA ALA B 88 10.79 10.34 0.12
C ALA B 88 11.47 10.38 -1.23
N GLY B 89 12.16 11.49 -1.52
CA GLY B 89 12.87 11.58 -2.81
C GLY B 89 11.96 11.69 -4.03
N ILE B 90 10.82 12.34 -3.85
CA ILE B 90 9.82 12.49 -4.89
C ILE B 90 9.93 13.87 -5.48
N LYS B 91 9.94 13.93 -6.82
CA LYS B 91 9.83 15.18 -7.57
CA LYS B 91 9.84 15.19 -7.53
C LYS B 91 8.37 15.60 -7.60
N GLN B 92 8.04 16.71 -6.94
CA GLN B 92 6.67 17.17 -6.89
C GLN B 92 6.46 18.06 -8.10
N GLU B 93 5.48 17.73 -8.92
CA GLU B 93 5.20 18.50 -10.13
C GLU B 93 3.75 18.97 -10.12
N ASP B 94 3.43 19.88 -11.03
CA ASP B 94 2.02 20.29 -11.19
C ASP B 94 1.24 19.14 -11.85
N GLY B 95 -0.08 19.25 -11.96
CA GLY B 95 -0.87 18.25 -12.67
C GLY B 95 -1.65 18.85 -13.83
N ILE B 96 -1.07 19.89 -14.41
CA ILE B 96 -1.69 20.59 -15.54
C ILE B 96 -1.84 19.59 -16.69
N PRO B 97 -3.07 19.44 -17.22
CA PRO B 97 -3.34 18.47 -18.28
C PRO B 97 -2.93 19.02 -19.66
N TYR B 98 -1.63 19.11 -19.88
CA TYR B 98 -1.09 19.57 -21.16
C TYR B 98 -1.61 18.68 -22.28
N ASN B 99 -1.68 17.38 -22.01
CA ASN B 99 -2.45 16.48 -22.87
C ASN B 99 -3.89 16.43 -22.38
N PRO B 100 -4.82 16.99 -23.18
CA PRO B 100 -6.21 17.13 -22.77
C PRO B 100 -6.90 15.79 -22.50
N GLN B 101 -6.29 14.70 -22.94
CA GLN B 101 -6.85 13.37 -22.65
C GLN B 101 -6.75 12.99 -21.17
N SER B 102 -5.81 13.63 -20.46
CA SER B 102 -5.63 13.41 -19.01
C SER B 102 -6.92 13.63 -18.20
N GLN B 103 -7.55 14.79 -18.36
CA GLN B 103 -8.82 15.07 -17.66
C GLN B 103 -9.81 13.94 -17.86
N GLY B 104 -9.96 13.53 -19.12
CA GLY B 104 -10.91 12.49 -19.51
C GLY B 104 -10.65 11.15 -18.84
N VAL B 105 -9.39 10.75 -18.82
CA VAL B 105 -8.96 9.47 -18.23
C VAL B 105 -9.27 9.41 -16.72
N ILE B 106 -8.92 10.49 -16.02
CA ILE B 106 -9.18 10.60 -14.57
CA ILE B 106 -9.18 10.59 -14.58
C ILE B 106 -10.68 10.62 -14.26
N GLU B 107 -11.45 11.37 -15.04
CA GLU B 107 -12.90 11.45 -14.85
C GLU B 107 -13.53 10.07 -15.02
N SER B 108 -13.14 9.37 -16.08
CA SER B 108 -13.64 8.02 -16.31
C SER B 108 -13.17 7.08 -15.21
N MET B 109 -11.95 7.27 -14.71
CA MET B 109 -11.52 6.39 -13.62
C MET B 109 -12.35 6.63 -12.35
N ASN B 110 -12.58 7.89 -12.02
CA ASN B 110 -13.42 8.23 -10.88
C ASN B 110 -14.82 7.63 -11.02
N LYS B 111 -15.40 7.73 -12.20
CA LYS B 111 -16.72 7.13 -12.48
CA LYS B 111 -16.72 7.14 -12.44
C LYS B 111 -16.71 5.61 -12.28
N GLU B 112 -15.70 4.94 -12.82
CA GLU B 112 -15.54 3.48 -12.66
C GLU B 112 -15.43 3.12 -11.19
N LEU B 113 -14.58 3.85 -10.47
CA LEU B 113 -14.35 3.54 -9.06
C LEU B 113 -15.63 3.69 -8.27
N LYS B 114 -16.35 4.79 -8.49
CA LYS B 114 -17.63 4.98 -7.80
C LYS B 114 -18.64 3.90 -8.15
N LYS B 115 -18.60 3.43 -9.40
CA LYS B 115 -19.48 2.32 -9.82
C LYS B 115 -19.15 1.06 -9.01
N ILE B 116 -17.86 0.77 -8.87
CA ILE B 116 -17.45 -0.44 -8.17
C ILE B 116 -17.81 -0.33 -6.71
N ILE B 117 -17.54 0.85 -6.13
CA ILE B 117 -17.92 1.09 -4.74
C ILE B 117 -19.41 0.79 -4.51
N GLY B 118 -20.29 1.23 -5.43
CA GLY B 118 -21.72 0.95 -5.29
C GLY B 118 -22.04 -0.54 -5.34
N GLN B 119 -21.32 -1.26 -6.20
CA GLN B 119 -21.50 -2.69 -6.37
C GLN B 119 -21.08 -3.49 -5.13
N VAL B 120 -20.14 -2.95 -4.35
CA VAL B 120 -19.66 -3.61 -3.12
C VAL B 120 -20.18 -2.98 -1.85
N ARG B 121 -20.90 -1.86 -2.01
CA ARG B 121 -21.20 -1.00 -0.87
C ARG B 121 -21.90 -1.77 0.25
N ASP B 122 -22.68 -2.78 -0.12
CA ASP B 122 -23.43 -3.60 0.85
C ASP B 122 -22.59 -4.70 1.54
N GLN B 123 -21.34 -4.88 1.10
CA GLN B 123 -20.45 -5.94 1.64
C GLN B 123 -19.51 -5.40 2.72
N ALA B 124 -19.79 -4.21 3.20
CA ALA B 124 -19.03 -3.59 4.26
C ALA B 124 -19.87 -2.51 4.90
N GLU B 125 -19.67 -2.26 6.18
CA GLU B 125 -20.36 -1.17 6.84
C GLU B 125 -19.72 0.17 6.46
N HIS B 126 -18.39 0.20 6.41
CA HIS B 126 -17.66 1.47 6.29
C HIS B 126 -17.16 1.74 4.87
N LEU B 127 -17.26 3.01 4.43
CA LEU B 127 -16.79 3.38 3.10
C LEU B 127 -15.33 2.98 2.85
N LYS B 128 -14.46 3.16 3.84
CA LYS B 128 -13.01 2.82 3.65
C LYS B 128 -12.81 1.38 3.16
N THR B 129 -13.59 0.46 3.72
CA THR B 129 -13.57 -0.95 3.30
C THR B 129 -13.99 -1.13 1.85
N ALA B 130 -15.12 -0.49 1.47
CA ALA B 130 -15.63 -0.53 0.12
C ALA B 130 -14.60 0.05 -0.85
N VAL B 131 -13.93 1.12 -0.44
CA VAL B 131 -12.88 1.71 -1.29
C VAL B 131 -11.73 0.73 -1.51
N GLN B 132 -11.29 0.03 -0.47
CA GLN B 132 -10.23 -0.98 -0.64
C GLN B 132 -10.68 -2.13 -1.53
N MET B 133 -11.96 -2.51 -1.44
CA MET B 133 -12.51 -3.54 -2.34
C MET B 133 -12.45 -3.05 -3.77
N ALA B 134 -12.81 -1.77 -3.98
CA ALA B 134 -12.75 -1.15 -5.29
C ALA B 134 -11.33 -1.11 -5.87
N VAL B 135 -10.35 -0.76 -5.02
CA VAL B 135 -8.92 -0.81 -5.42
C VAL B 135 -8.57 -2.23 -5.90
N PHE B 136 -8.98 -3.21 -5.11
CA PHE B 136 -8.67 -4.59 -5.45
C PHE B 136 -9.28 -4.95 -6.81
N ILE B 137 -10.56 -4.70 -6.97
CA ILE B 137 -11.23 -5.04 -8.25
C ILE B 137 -10.60 -4.32 -9.43
N HIS B 138 -10.34 -3.02 -9.26
CA HIS B 138 -9.72 -2.21 -10.33
C HIS B 138 -8.36 -2.76 -10.75
N ASN B 139 -7.51 -3.06 -9.77
CA ASN B 139 -6.14 -3.51 -10.03
C ASN B 139 -6.04 -4.92 -10.61
N HIS B 140 -7.04 -5.74 -10.33
CA HIS B 140 -7.05 -7.14 -10.79
C HIS B 140 -7.81 -7.33 -12.10
N LYS B 141 -8.61 -6.34 -12.49
CA LYS B 141 -9.44 -6.45 -13.71
C LYS B 141 -8.59 -6.62 -14.95
N ARG B 142 -8.78 -7.76 -15.64
CA ARG B 142 -8.11 -7.98 -16.89
C ARG B 142 -8.76 -7.17 -17.99
N LYS B 143 -7.95 -6.35 -18.66
CA LYS B 143 -8.39 -5.58 -19.81
C LYS B 143 -7.38 -5.64 -20.93
N GLY B 148 -5.07 -10.39 -22.54
CA GLY B 148 -5.31 -9.19 -21.71
C GLY B 148 -4.55 -9.24 -20.40
N TYR B 149 -4.16 -8.07 -19.89
CA TYR B 149 -3.43 -8.01 -18.62
C TYR B 149 -4.17 -7.10 -17.66
N SER B 150 -3.92 -7.26 -16.36
CA SER B 150 -4.48 -6.35 -15.35
C SER B 150 -3.53 -5.18 -15.11
N ALA B 151 -4.04 -4.15 -14.43
CA ALA B 151 -3.17 -3.00 -14.10
C ALA B 151 -2.05 -3.46 -13.16
N GLY B 152 -2.35 -4.42 -12.26
CA GLY B 152 -1.37 -4.95 -11.32
C GLY B 152 -0.25 -5.66 -12.06
N GLU B 153 -0.63 -6.39 -13.11
CA GLU B 153 0.38 -7.05 -13.94
C GLU B 153 1.23 -6.03 -14.71
N ARG B 154 0.58 -5.01 -15.29
CA ARG B 154 1.31 -4.00 -16.06
C ARG B 154 2.30 -3.23 -15.21
N ILE B 155 1.91 -2.85 -13.99
CA ILE B 155 2.87 -2.05 -13.22
C ILE B 155 4.14 -2.85 -12.89
N VAL B 156 3.98 -4.11 -12.49
CA VAL B 156 5.12 -4.95 -12.14
C VAL B 156 6.01 -5.19 -13.37
N ASP B 157 5.38 -5.42 -14.52
CA ASP B 157 6.11 -5.65 -15.77
C ASP B 157 6.91 -4.41 -16.16
N ILE B 158 6.27 -3.24 -16.06
CA ILE B 158 6.93 -1.97 -16.37
C ILE B 158 8.12 -1.70 -15.47
N ILE B 159 7.93 -1.86 -14.17
CA ILE B 159 9.03 -1.61 -13.25
C ILE B 159 10.15 -2.64 -13.39
N ALA B 160 9.77 -3.91 -13.53
CA ALA B 160 10.79 -4.97 -13.70
C ALA B 160 11.64 -4.69 -14.96
N THR B 161 10.99 -4.30 -16.05
CA THR B 161 11.68 -3.93 -17.28
C THR B 161 12.68 -2.80 -17.02
N ASP B 162 12.26 -1.81 -16.24
CA ASP B 162 13.12 -0.70 -15.81
C ASP B 162 14.32 -1.16 -14.97
N ILE B 163 14.09 -2.03 -13.99
CA ILE B 163 15.17 -2.50 -13.13
C ILE B 163 16.26 -3.18 -13.95
N GLN B 164 15.85 -3.89 -15.00
CA GLN B 164 16.81 -4.49 -15.94
C GLN B 164 17.28 -3.42 -16.96
N THR C . 4.95 -16.66 -16.81
CA THR C . 4.78 -18.12 -16.71
C THR C . 3.37 -18.59 -17.10
O THR C . 2.37 -17.91 -16.85
CB THR C . 5.17 -18.64 -15.30
S SO4 D . 7.44 -7.59 20.29
O1 SO4 D . 8.26 -8.13 21.36
O2 SO4 D . 7.32 -6.15 20.43
O3 SO4 D . 8.09 -7.99 19.05
O4 SO4 D . 6.09 -8.14 20.41
S SO4 E . 1.38 9.22 18.29
O1 SO4 E . 2.66 8.57 18.14
O2 SO4 E . 0.66 8.63 19.43
O3 SO4 E . 1.58 10.64 18.50
O4 SO4 E . 0.51 9.03 17.14
S SO4 F . -1.09 -1.48 4.00
O1 SO4 F . -1.42 -0.51 2.97
O2 SO4 F . -2.02 -1.31 5.09
O3 SO4 F . -1.17 -2.86 3.48
O4 SO4 F . 0.27 -1.24 4.51
CL CL G . 10.91 0.66 -3.40
C ACY H . -6.12 3.32 5.97
O ACY H . -6.81 2.91 4.99
OXT ACY H . -5.33 2.59 6.64
CH3 ACY H . -6.23 4.76 6.37
C1 GOL I . -14.39 -11.81 14.65
O1 GOL I . -14.39 -13.10 15.22
C2 GOL I . -13.49 -10.85 15.44
O2 GOL I . -12.20 -11.42 15.28
C3 GOL I . -13.69 -9.40 14.89
O3 GOL I . -12.89 -8.31 15.36
C1 ZSW J . 9.15 16.62 12.92
C2 ZSW J . 7.99 17.00 13.56
C3 ZSW J . 9.21 16.62 11.54
C4 ZSW J . 6.88 17.38 12.82
C5 ZSW J . 3.20 14.75 8.20
C6 ZSW J . 2.05 14.05 7.92
C7 ZSW J . 8.09 16.98 10.81
C8 ZSW J . 3.25 13.91 10.46
C9 ZSW J . 6.92 17.36 11.44
C10 ZSW J . 3.80 14.68 9.45
C11 ZSW J . 1.50 13.28 8.93
C12 ZSW J . 2.09 13.19 10.18
C13 ZSW J . 2.63 19.52 10.04
C14 ZSW J . 3.12 18.37 9.57
C15 ZSW J . 8.22 16.93 9.34
C16 ZSW J . 3.90 13.79 11.80
C17 ZSW J . -3.24 13.01 9.01
C19 ZSW J . 7.43 13.59 7.03
C18 ZSW J . 8.14 14.88 6.65
C20 ZSW J . 9.21 15.23 7.66
C22 ZSW J . 10.23 16.16 7.04
C23 ZSW J . 0.51 11.55 10.74
C25 ZSW J . -0.39 12.27 9.77
C26 ZSW J . 5.69 17.76 10.70
C27 ZSW J . 5.04 15.51 9.67
C28 ZSW J . 3.28 17.21 10.48
C29 ZSW J . -2.41 11.94 8.31
C31 ZSW J . -1.54 11.35 9.40
N32 ZSW J . 8.68 15.69 8.94
N33 ZSW J . 4.68 16.67 10.59
O37 ZSW J . 4.02 12.60 12.25
O35 ZSW J . -3.65 12.76 10.18
O36 ZSW J . 7.87 17.87 8.64
O34 ZSW J . 4.39 14.82 12.35
O38 ZSW J . -3.44 14.05 8.33
O39 ZSW J . 1.53 12.42 11.21
O40 ZSW J . 0.35 12.60 8.61
N THR K . 17.74 -2.28 -16.45
CA THR K . 18.26 -1.16 -17.27
C THR K . 19.44 -0.44 -16.60
O THR K . 19.46 -0.25 -15.38
CB THR K . 17.14 -0.16 -17.62
S SO4 L . -15.69 14.59 -7.65
O1 SO4 L . -16.41 13.88 -6.62
O2 SO4 L . -14.73 15.48 -7.02
O3 SO4 L . -15.01 13.69 -8.58
O4 SO4 L . -16.62 15.39 -8.44
S SO4 M . -18.38 5.09 7.42
O1 SO4 M . -19.23 4.22 8.20
O2 SO4 M . -16.99 4.81 7.74
O3 SO4 M . -18.67 4.89 6.02
O4 SO4 M . -18.61 6.48 7.79
S SO4 N . -1.78 3.93 0.49
O1 SO4 N . -0.67 4.42 -0.37
O2 SO4 N . -2.88 3.44 -0.34
O3 SO4 N . -1.29 2.85 1.36
O4 SO4 N . -2.26 4.99 1.33
CL CL O . -2.98 -7.17 -8.08
C1 GOL P . -0.05 22.50 5.60
O1 GOL P . -0.23 22.40 4.19
C2 GOL P . -0.50 21.19 6.28
O2 GOL P . 0.21 20.85 7.46
C3 GOL P . -1.96 21.20 6.68
O3 GOL P . -2.27 19.84 6.88
C1 ZSW Q . -21.27 -6.30 5.56
C2 ZSW Q . -21.31 -5.65 6.78
C3 ZSW Q . -20.28 -7.23 5.30
C4 ZSW Q . -20.35 -5.91 7.73
C5 ZSW Q . -13.95 -5.63 8.20
C6 ZSW Q . -12.88 -4.87 8.61
C7 ZSW Q . -19.33 -7.49 6.25
C8 ZSW Q . -15.34 -3.68 7.92
C9 ZSW Q . -19.37 -6.83 7.47
C10 ZSW Q . -15.17 -5.06 7.87
C11 ZSW Q . -13.05 -3.50 8.68
C12 ZSW Q . -14.25 -2.89 8.33
C13 ZSW Q . -17.09 -7.24 11.85
C14 ZSW Q . -16.50 -6.92 10.70
C15 ZSW Q . -18.26 -8.46 5.93
C16 ZSW Q . -16.62 -3.03 7.53
C17 ZSW Q . -10.60 -1.26 12.06
C19 ZSW Q . -14.78 -7.44 3.99
C18 ZSW Q . -15.36 -8.82 4.19
C20 ZSW Q . -16.82 -8.86 3.82
C22 ZSW Q . -17.27 -10.29 3.58
C23 ZSW Q . -13.20 -0.81 8.50
C25 ZSW Q . -12.34 -1.48 9.54
C26 ZSW Q . -18.35 -7.08 8.52
C27 ZSW Q . -16.29 -5.98 7.46
C28 ZSW Q . -16.94 -5.72 9.97
C29 ZSW Q . -10.09 -1.37 10.64
C31 ZSW Q . -11.09 -0.62 9.78
N32 ZSW Q . -17.64 -8.10 4.74
N33 ZSW Q . -17.36 -5.96 8.55
O37 ZSW Q . -16.53 -2.02 6.75
O35 ZSW Q . -11.10 -0.16 12.42
O36 ZSW Q . -17.99 -9.38 6.68
O34 ZSW Q . -17.71 -3.55 7.87
O38 ZSW Q . -10.46 -2.30 12.77
O39 ZSW Q . -14.43 -1.52 8.41
O40 ZSW Q . -11.96 -2.78 9.09
#